data_5MRD
#
_entry.id   5MRD
#
_cell.length_a   149.110
_cell.length_b   44.480
_cell.length_c   47.810
_cell.angle_alpha   90.00
_cell.angle_beta   101.96
_cell.angle_gamma   90.00
#
_symmetry.space_group_name_H-M   'C 1 2 1'
#
loop_
_entity.id
_entity.type
_entity.pdbx_description
1 polymer '3-phosphoinositide-dependent protein kinase 1'
2 non-polymer 'ethyl (2~{S})-1-(6-chloranyl-1,3-benzothiazol-2-yl)-4-oxidanyl-5-oxidanylidene-2-thiophen-2-yl-2~{H}-pyrrole-3-carboxylate'
3 non-polymer 2,3-DIHYDROXY-1,4-DITHIOBUTANE
4 non-polymer 'DIMETHYL SULFOXIDE'
5 non-polymer "ADENOSINE-5'-TRIPHOSPHATE"
6 water water
#
_entity_poly.entity_id   1
_entity_poly.type   'polypeptide(L)'
_entity_poly.pdbx_seq_one_letter_code
;AMDGTAAEPRPGAGSLQHAQPPPQPRSKRPEDFKFGKILGEGSFSTVVLARELATSREYAIKIVEKRHVNKENKIPYVQR
EKDVMSRLDHPFFVKLYFCFQDDEKLYFGLSYAKNGELLKYIRKIGSFDETCTRFYTAEIVSALEYLHGKGIIHRDLKPE
NILLNEDMHIQITDFGTAKVLSPESKQARAN(SEP)FVGTAQYVSPELLTEKSACKSSDLWALGCIIYQLVAGLPPFRAG
NEGLIFAKIIKLEYDFPEKFFPKARDLVEKLLVLDATKRLGCEEMEGYGPLKAHPFFESVTWENLHQQTPPKLT
;
_entity_poly.pdbx_strand_id   A
#
loop_
_chem_comp.id
_chem_comp.type
_chem_comp.name
_chem_comp.formula
ATP non-polymer ADENOSINE-5'-TRIPHOSPHATE 'C10 H16 N5 O13 P3'
DMS non-polymer 'DIMETHYL SULFOXIDE' 'C2 H6 O S'
DTT non-polymer 2,3-DIHYDROXY-1,4-DITHIOBUTANE 'C4 H10 O2 S2'
S26 non-polymer 'ethyl (2~{S})-1-(6-chloranyl-1,3-benzothiazol-2-yl)-4-oxidanyl-5-oxidanylidene-2-thiophen-2-yl-2~{H}-pyrrole-3-carboxylate' 'C18 H13 Cl N2 O4 S2'
#
# COMPACT_ATOMS: atom_id res chain seq x y z
N SER A 27 -8.37 15.12 -22.63
CA SER A 27 -7.59 15.72 -23.70
C SER A 27 -6.87 14.63 -24.50
N LYS A 28 -6.21 13.70 -23.80
CA LYS A 28 -5.69 12.52 -24.49
C LYS A 28 -6.87 11.61 -24.87
N ARG A 29 -6.65 10.76 -25.87
CA ARG A 29 -7.67 9.88 -26.42
C ARG A 29 -7.06 8.50 -26.62
N PRO A 30 -7.88 7.45 -26.71
CA PRO A 30 -7.27 6.11 -26.84
C PRO A 30 -6.32 5.95 -28.01
N GLU A 31 -6.67 6.56 -29.15
CA GLU A 31 -5.84 6.51 -30.34
CA GLU A 31 -5.83 6.49 -30.33
C GLU A 31 -4.49 7.21 -30.14
N ASP A 32 -4.31 7.92 -29.04
CA ASP A 32 -3.02 8.54 -28.75
C ASP A 32 -1.99 7.55 -28.22
N PHE A 33 -2.39 6.29 -28.02
CA PHE A 33 -1.53 5.29 -27.40
C PHE A 33 -1.50 4.04 -28.25
N LYS A 34 -0.42 3.28 -28.11
CA LYS A 34 -0.39 1.89 -28.56
C LYS A 34 -0.40 1.02 -27.31
N PHE A 35 -1.38 0.12 -27.21
CA PHE A 35 -1.50 -0.76 -26.05
CA PHE A 35 -1.48 -0.73 -26.05
C PHE A 35 -0.70 -2.03 -26.29
N GLY A 36 -0.02 -2.48 -25.24
CA GLY A 36 0.69 -3.76 -25.26
C GLY A 36 0.05 -4.74 -24.31
N LYS A 37 0.86 -5.37 -23.48
CA LYS A 37 0.36 -6.49 -22.69
C LYS A 37 -0.52 -6.05 -21.53
N ILE A 38 -1.43 -6.94 -21.15
CA ILE A 38 -2.24 -6.72 -19.95
C ILE A 38 -1.37 -6.95 -18.74
N LEU A 39 -1.41 -6.00 -17.80
CA LEU A 39 -0.64 -6.09 -16.56
C LEU A 39 -1.49 -6.59 -15.39
N GLY A 40 -2.80 -6.49 -15.48
CA GLY A 40 -3.62 -7.01 -14.42
C GLY A 40 -5.07 -6.82 -14.76
N GLU A 41 -5.92 -7.56 -14.04
CA GLU A 41 -7.35 -7.56 -14.30
C GLU A 41 -8.10 -7.53 -12.98
N GLY A 42 -9.15 -6.72 -12.93
CA GLY A 42 -10.14 -6.78 -11.88
C GLY A 42 -11.49 -7.15 -12.46
N SER A 43 -12.50 -7.19 -11.58
CA SER A 43 -13.84 -7.51 -12.05
C SER A 43 -14.38 -6.43 -12.97
N PHE A 44 -13.97 -5.16 -12.77
CA PHE A 44 -14.42 -4.12 -13.69
C PHE A 44 -13.28 -3.23 -14.18
N SER A 45 -12.03 -3.68 -14.06
CA SER A 45 -10.90 -2.91 -14.58
C SER A 45 -9.89 -3.85 -15.22
N THR A 46 -9.13 -3.28 -16.13
CA THR A 46 -8.01 -3.98 -16.76
C THR A 46 -6.90 -2.95 -16.88
N VAL A 47 -5.69 -3.35 -16.51
CA VAL A 47 -4.53 -2.47 -16.60
C VAL A 47 -3.69 -2.96 -17.74
N VAL A 48 -3.38 -2.08 -18.69
CA VAL A 48 -2.60 -2.42 -19.87
CA VAL A 48 -2.59 -2.42 -19.86
C VAL A 48 -1.35 -1.54 -19.93
N LEU A 49 -0.25 -2.13 -20.36
CA LEU A 49 0.95 -1.35 -20.63
C LEU A 49 0.75 -0.61 -21.94
N ALA A 50 1.07 0.67 -21.97
CA ALA A 50 0.79 1.49 -23.15
C ALA A 50 1.96 2.41 -23.41
N ARG A 51 2.17 2.72 -24.69
CA ARG A 51 3.13 3.73 -25.11
CA ARG A 51 3.13 3.74 -25.10
C ARG A 51 2.37 4.89 -25.73
N GLU A 52 2.68 6.10 -25.30
CA GLU A 52 2.06 7.29 -25.85
C GLU A 52 2.79 7.68 -27.13
N LEU A 53 2.07 7.76 -28.25
CA LEU A 53 2.74 7.91 -29.53
C LEU A 53 3.52 9.22 -29.63
N ALA A 54 2.97 10.31 -29.11
CA ALA A 54 3.56 11.63 -29.32
C ALA A 54 4.84 11.82 -28.52
N THR A 55 5.08 10.98 -27.50
CA THR A 55 6.23 11.15 -26.60
C THR A 55 7.08 9.91 -26.43
N SER A 56 6.59 8.72 -26.77
CA SER A 56 7.23 7.44 -26.56
C SER A 56 7.28 7.05 -25.08
N ARG A 57 6.57 7.74 -24.23
CA ARG A 57 6.54 7.36 -22.82
C ARG A 57 5.65 6.16 -22.57
N GLU A 58 6.03 5.40 -21.55
CA GLU A 58 5.32 4.22 -21.10
CA GLU A 58 5.29 4.22 -21.13
C GLU A 58 4.44 4.54 -19.90
N TYR A 59 3.20 4.09 -19.95
CA TYR A 59 2.27 4.23 -18.84
C TYR A 59 1.57 2.90 -18.61
N ALA A 60 1.15 2.65 -17.36
CA ALA A 60 0.18 1.61 -17.09
C ALA A 60 -1.19 2.30 -17.11
N ILE A 61 -2.04 1.94 -18.06
CA ILE A 61 -3.35 2.58 -18.17
C ILE A 61 -4.38 1.64 -17.59
N LYS A 62 -5.09 2.11 -16.56
CA LYS A 62 -6.18 1.37 -15.95
C LYS A 62 -7.44 1.76 -16.69
N ILE A 63 -8.14 0.76 -17.20
CA ILE A 63 -9.31 0.95 -18.04
C ILE A 63 -10.50 0.36 -17.32
N VAL A 64 -11.53 1.19 -17.12
CA VAL A 64 -12.73 0.80 -16.40
C VAL A 64 -13.89 0.82 -17.38
N GLU A 65 -14.55 -0.32 -17.54
CA GLU A 65 -15.73 -0.40 -18.39
C GLU A 65 -16.91 0.23 -17.65
N LYS A 66 -17.49 1.27 -18.25
CA LYS A 66 -18.59 1.97 -17.59
C LYS A 66 -19.77 1.05 -17.31
N ARG A 67 -20.10 0.15 -18.25
CA ARG A 67 -21.30 -0.66 -18.07
C ARG A 67 -21.21 -1.51 -16.81
N HIS A 68 -20.04 -2.09 -16.54
CA HIS A 68 -19.90 -2.99 -15.40
CA HIS A 68 -19.89 -2.99 -15.40
C HIS A 68 -19.91 -2.22 -14.09
N VAL A 69 -19.14 -1.14 -13.98
CA VAL A 69 -19.15 -0.36 -12.76
C VAL A 69 -20.54 0.19 -12.48
N ASN A 70 -21.29 0.52 -13.53
CA ASN A 70 -22.68 0.93 -13.36
C ASN A 70 -23.52 -0.24 -12.90
N LYS A 71 -23.39 -1.39 -13.58
CA LYS A 71 -24.20 -2.57 -13.26
C LYS A 71 -23.86 -3.18 -11.91
N GLU A 72 -22.82 -2.70 -11.24
CA GLU A 72 -22.45 -3.19 -9.92
C GLU A 72 -22.41 -2.07 -8.88
N ASN A 73 -22.84 -0.85 -9.23
CA ASN A 73 -22.88 0.27 -8.30
C ASN A 73 -21.50 0.54 -7.67
N LYS A 74 -20.45 0.39 -8.47
CA LYS A 74 -19.09 0.61 -7.97
C LYS A 74 -18.52 1.96 -8.39
N ILE A 75 -19.34 2.86 -8.93
CA ILE A 75 -18.86 4.17 -9.34
C ILE A 75 -18.10 4.83 -8.18
N PRO A 76 -18.62 4.75 -6.94
CA PRO A 76 -17.91 5.40 -5.82
C PRO A 76 -16.47 4.94 -5.66
N TYR A 77 -16.19 3.65 -5.88
CA TYR A 77 -14.82 3.15 -5.76
C TYR A 77 -13.93 3.82 -6.80
N VAL A 78 -14.41 3.93 -8.04
CA VAL A 78 -13.64 4.58 -9.10
C VAL A 78 -13.41 6.04 -8.75
N GLN A 79 -14.46 6.74 -8.34
CA GLN A 79 -14.30 8.14 -7.96
C GLN A 79 -13.31 8.30 -6.82
N ARG A 80 -13.34 7.38 -5.85
CA ARG A 80 -12.43 7.48 -4.71
C ARG A 80 -10.99 7.31 -5.14
N GLU A 81 -10.72 6.34 -5.99
CA GLU A 81 -9.35 6.14 -6.43
C GLU A 81 -8.84 7.39 -7.14
N LYS A 82 -9.67 7.99 -7.99
CA LYS A 82 -9.24 9.19 -8.72
C LYS A 82 -8.97 10.33 -7.77
N ASP A 83 -9.92 10.61 -6.87
CA ASP A 83 -9.76 11.75 -5.99
C ASP A 83 -8.54 11.59 -5.08
N VAL A 84 -8.34 10.39 -4.54
CA VAL A 84 -7.22 10.18 -3.63
C VAL A 84 -5.90 10.27 -4.40
N MET A 85 -5.80 9.58 -5.54
CA MET A 85 -4.54 9.60 -6.27
C MET A 85 -4.20 11.00 -6.76
N SER A 86 -5.21 11.82 -7.06
CA SER A 86 -4.94 13.17 -7.55
CA SER A 86 -4.92 13.16 -7.55
C SER A 86 -4.26 14.02 -6.48
N ARG A 87 -4.36 13.62 -5.22
CA ARG A 87 -3.79 14.36 -4.10
C ARG A 87 -2.35 14.00 -3.81
N LEU A 88 -1.85 12.90 -4.39
CA LEU A 88 -0.57 12.33 -4.00
C LEU A 88 0.53 12.82 -4.93
N ASP A 89 1.65 13.20 -4.36
CA ASP A 89 2.78 13.70 -5.14
C ASP A 89 4.04 13.35 -4.34
N HIS A 90 4.39 12.07 -4.37
CA HIS A 90 5.49 11.56 -3.57
C HIS A 90 6.09 10.35 -4.28
N PRO A 91 7.40 10.17 -4.22
CA PRO A 91 8.03 9.09 -4.99
C PRO A 91 7.59 7.71 -4.63
N PHE A 92 7.05 7.47 -3.43
CA PHE A 92 6.68 6.11 -3.04
C PHE A 92 5.24 5.76 -3.33
N PHE A 93 4.56 6.54 -4.16
CA PHE A 93 3.18 6.27 -4.54
C PHE A 93 3.04 6.26 -6.05
N VAL A 94 2.18 5.35 -6.54
CA VAL A 94 1.81 5.37 -7.94
CA VAL A 94 1.79 5.38 -7.94
C VAL A 94 1.26 6.76 -8.25
N LYS A 95 1.63 7.30 -9.41
CA LYS A 95 1.18 8.62 -9.83
C LYS A 95 0.07 8.52 -10.87
N LEU A 96 -0.93 9.36 -10.74
CA LEU A 96 -1.97 9.52 -11.75
C LEU A 96 -1.58 10.73 -12.61
N TYR A 97 -1.23 10.47 -13.88
CA TYR A 97 -0.79 11.49 -14.81
C TYR A 97 -1.92 12.13 -15.60
N PHE A 98 -2.93 11.36 -15.97
CA PHE A 98 -4.01 11.87 -16.82
C PHE A 98 -5.22 10.94 -16.70
N CYS A 99 -6.36 11.48 -17.08
CA CYS A 99 -7.62 10.74 -17.13
CA CYS A 99 -7.54 10.65 -17.22
C CYS A 99 -8.36 11.16 -18.39
N PHE A 100 -9.05 10.23 -19.03
CA PHE A 100 -9.93 10.56 -20.14
C PHE A 100 -10.98 9.47 -20.24
N GLN A 101 -11.97 9.70 -21.09
CA GLN A 101 -13.00 8.69 -21.21
C GLN A 101 -13.50 8.67 -22.65
N ASP A 102 -14.20 7.60 -22.98
CA ASP A 102 -14.99 7.58 -24.19
C ASP A 102 -16.34 6.97 -23.88
N ASP A 103 -17.10 6.57 -24.91
CA ASP A 103 -18.47 6.12 -24.67
C ASP A 103 -18.51 4.90 -23.76
N GLU A 104 -17.52 4.03 -23.85
CA GLU A 104 -17.56 2.76 -23.15
C GLU A 104 -16.70 2.71 -21.89
N LYS A 105 -15.67 3.57 -21.78
CA LYS A 105 -14.58 3.33 -20.84
C LYS A 105 -14.05 4.62 -20.21
N LEU A 106 -13.58 4.46 -18.99
CA LEU A 106 -12.73 5.43 -18.32
C LEU A 106 -11.28 4.94 -18.39
N TYR A 107 -10.35 5.87 -18.59
CA TYR A 107 -8.93 5.55 -18.71
C TYR A 107 -8.15 6.40 -17.73
N PHE A 108 -7.28 5.76 -16.96
CA PHE A 108 -6.42 6.45 -15.99
C PHE A 108 -4.97 6.13 -16.28
N GLY A 109 -4.19 7.15 -16.61
CA GLY A 109 -2.79 6.96 -16.93
C GLY A 109 -1.95 6.98 -15.68
N LEU A 110 -1.33 5.86 -15.36
CA LEU A 110 -0.61 5.65 -14.12
C LEU A 110 0.86 5.38 -14.39
N SER A 111 1.68 5.63 -13.37
CA SER A 111 3.07 5.17 -13.43
CA SER A 111 3.06 5.18 -13.53
C SER A 111 3.12 3.66 -13.56
N TYR A 112 4.07 3.16 -14.34
CA TYR A 112 4.27 1.72 -14.53
C TYR A 112 5.32 1.23 -13.54
N ALA A 113 4.96 0.24 -12.74
CA ALA A 113 5.86 -0.37 -11.78
C ALA A 113 6.31 -1.70 -12.37
N LYS A 114 7.44 -1.65 -13.07
CA LYS A 114 7.86 -2.76 -13.92
C LYS A 114 8.11 -4.03 -13.14
N ASN A 115 8.55 -3.93 -11.88
CA ASN A 115 8.95 -5.13 -11.15
C ASN A 115 7.82 -5.74 -10.32
N GLY A 116 6.60 -5.20 -10.41
CA GLY A 116 5.44 -5.91 -9.90
C GLY A 116 5.31 -5.80 -8.38
N GLU A 117 4.66 -6.81 -7.81
CA GLU A 117 4.25 -6.78 -6.41
C GLU A 117 5.36 -7.20 -5.46
N LEU A 118 5.44 -6.53 -4.33
CA LEU A 118 6.35 -6.96 -3.28
C LEU A 118 6.11 -8.42 -2.90
N LEU A 119 4.86 -8.84 -2.92
CA LEU A 119 4.49 -10.18 -2.53
C LEU A 119 5.24 -11.21 -3.34
N LYS A 120 5.47 -10.94 -4.62
CA LYS A 120 6.15 -11.90 -5.49
C LYS A 120 7.55 -12.20 -4.97
N TYR A 121 8.21 -11.17 -4.43
CA TYR A 121 9.56 -11.35 -3.92
C TYR A 121 9.56 -12.07 -2.58
N ILE A 122 8.57 -11.80 -1.72
CA ILE A 122 8.50 -12.57 -0.48
C ILE A 122 8.34 -14.04 -0.80
N ARG A 123 7.45 -14.37 -1.74
CA ARG A 123 7.23 -15.78 -2.06
C ARG A 123 8.46 -16.42 -2.66
N LYS A 124 9.14 -15.70 -3.57
CA LYS A 124 10.24 -16.31 -4.31
C LYS A 124 11.42 -16.59 -3.41
N ILE A 125 11.74 -15.65 -2.52
CA ILE A 125 12.91 -15.75 -1.65
CA ILE A 125 12.92 -15.84 -1.68
C ILE A 125 12.56 -16.33 -0.29
N GLY A 126 11.30 -16.24 0.12
CA GLY A 126 10.84 -16.87 1.33
C GLY A 126 10.77 -15.87 2.45
N SER A 127 11.81 -15.05 2.54
CA SER A 127 11.85 -13.98 3.50
C SER A 127 13.04 -13.09 3.19
C SER A 127 12.96 -13.03 3.08
N PHE A 128 13.01 -11.90 3.74
N PHE A 128 13.04 -11.93 3.78
CA PHE A 128 14.04 -10.91 3.51
C PHE A 128 15.08 -10.93 4.63
N ASP A 129 16.34 -10.69 4.26
CA ASP A 129 17.38 -10.51 5.27
C ASP A 129 17.15 -9.19 6.02
N GLU A 130 17.98 -8.92 7.00
CA GLU A 130 17.76 -7.76 7.87
C GLU A 130 17.92 -6.46 7.10
N THR A 131 18.93 -6.37 6.24
CA THR A 131 19.17 -5.15 5.49
C THR A 131 18.02 -4.84 4.56
N CYS A 132 17.50 -5.85 3.87
CA CYS A 132 16.38 -5.63 2.96
C CYS A 132 15.10 -5.37 3.73
N THR A 133 14.87 -6.08 4.84
CA THR A 133 13.72 -5.79 5.68
C THR A 133 13.76 -4.35 6.13
N ARG A 134 14.91 -3.90 6.58
CA ARG A 134 15.03 -2.53 7.07
C ARG A 134 14.75 -1.53 5.96
N PHE A 135 15.35 -1.73 4.79
CA PHE A 135 15.22 -0.78 3.69
C PHE A 135 13.78 -0.63 3.25
N TYR A 136 13.11 -1.75 3.01
CA TYR A 136 11.76 -1.68 2.49
C TYR A 136 10.78 -1.25 3.56
N THR A 137 11.01 -1.65 4.81
CA THR A 137 10.19 -1.13 5.91
C THR A 137 10.35 0.37 6.01
N ALA A 138 11.58 0.87 5.89
CA ALA A 138 11.78 2.31 5.98
C ALA A 138 11.04 3.02 4.87
N GLU A 139 11.09 2.49 3.64
CA GLU A 139 10.34 3.13 2.56
C GLU A 139 8.86 3.15 2.87
N ILE A 140 8.30 2.03 3.39
CA ILE A 140 6.87 2.03 3.72
C ILE A 140 6.56 3.04 4.81
N VAL A 141 7.42 3.14 5.82
CA VAL A 141 7.22 4.13 6.87
C VAL A 141 7.25 5.54 6.29
N SER A 142 8.21 5.82 5.42
CA SER A 142 8.29 7.14 4.81
CA SER A 142 8.30 7.14 4.79
C SER A 142 7.03 7.45 4.00
N ALA A 143 6.51 6.44 3.30
CA ALA A 143 5.30 6.63 2.52
C ALA A 143 4.12 6.92 3.44
N LEU A 144 3.99 6.16 4.53
CA LEU A 144 2.87 6.37 5.45
C LEU A 144 2.96 7.72 6.13
N GLU A 145 4.17 8.15 6.49
CA GLU A 145 4.33 9.48 7.05
C GLU A 145 3.75 10.53 6.13
N TYR A 146 4.03 10.43 4.83
CA TYR A 146 3.50 11.38 3.87
C TYR A 146 1.98 11.27 3.75
N LEU A 147 1.48 10.05 3.61
CA LEU A 147 0.06 9.83 3.43
C LEU A 147 -0.72 10.33 4.64
N HIS A 148 -0.28 9.96 5.84
CA HIS A 148 -0.97 10.39 7.03
C HIS A 148 -0.84 11.88 7.26
N GLY A 149 0.26 12.47 6.82
CA GLY A 149 0.39 13.91 6.88
C GLY A 149 -0.61 14.64 6.01
N LYS A 150 -1.10 13.97 4.96
CA LYS A 150 -2.18 14.50 4.13
C LYS A 150 -3.57 14.11 4.63
N GLY A 151 -3.67 13.47 5.79
CA GLY A 151 -4.96 13.10 6.32
C GLY A 151 -5.64 11.98 5.57
N ILE A 152 -4.88 11.06 5.00
CA ILE A 152 -5.42 9.97 4.20
C ILE A 152 -5.06 8.66 4.87
N ILE A 153 -6.05 7.77 5.01
CA ILE A 153 -5.82 6.40 5.49
C ILE A 153 -5.85 5.49 4.27
N HIS A 154 -4.89 4.57 4.16
CA HIS A 154 -4.92 3.63 3.05
C HIS A 154 -6.01 2.56 3.24
N ARG A 155 -6.00 1.88 4.37
CA ARG A 155 -6.95 0.88 4.82
C ARG A 155 -6.79 -0.49 4.17
N ASP A 156 -5.98 -0.63 3.14
CA ASP A 156 -5.75 -1.95 2.53
C ASP A 156 -4.27 -2.14 2.22
N LEU A 157 -3.42 -1.77 3.14
CA LEU A 157 -1.98 -1.88 2.93
C LEU A 157 -1.57 -3.34 3.07
N LYS A 158 -0.86 -3.85 2.09
CA LYS A 158 -0.44 -5.24 2.06
C LYS A 158 0.58 -5.41 0.93
N PRO A 159 1.35 -6.50 0.95
CA PRO A 159 2.39 -6.66 -0.07
C PRO A 159 1.90 -6.67 -1.50
N GLU A 160 0.67 -7.14 -1.75
CA GLU A 160 0.11 -7.09 -3.08
CA GLU A 160 0.11 -7.10 -3.09
C GLU A 160 -0.08 -5.68 -3.60
N ASN A 161 -0.20 -4.71 -2.69
CA ASN A 161 -0.46 -3.32 -3.02
C ASN A 161 0.77 -2.45 -2.88
N ILE A 162 1.94 -3.05 -2.70
CA ILE A 162 3.20 -2.33 -2.62
C ILE A 162 3.97 -2.80 -3.84
N LEU A 163 3.95 -2.00 -4.90
CA LEU A 163 4.62 -2.38 -6.14
C LEU A 163 6.07 -1.91 -6.11
N LEU A 164 6.85 -2.42 -7.06
CA LEU A 164 8.26 -2.11 -7.19
C LEU A 164 8.53 -1.56 -8.59
N ASN A 165 9.14 -0.37 -8.65
CA ASN A 165 9.50 0.21 -9.93
C ASN A 165 10.76 -0.44 -10.50
N GLU A 166 11.16 0.02 -11.68
CA GLU A 166 12.33 -0.53 -12.35
C GLU A 166 13.58 -0.41 -11.48
N ASP A 167 13.66 0.62 -10.65
CA ASP A 167 14.79 0.85 -9.76
C ASP A 167 14.65 0.13 -8.44
N MET A 168 13.57 -0.63 -8.23
CA MET A 168 13.33 -1.42 -7.02
C MET A 168 12.98 -0.57 -5.82
N HIS A 169 12.51 0.64 -6.03
CA HIS A 169 11.84 1.40 -4.99
C HIS A 169 10.34 1.11 -5.00
N ILE A 170 9.72 1.28 -3.84
CA ILE A 170 8.30 0.98 -3.71
C ILE A 170 7.44 2.02 -4.42
N GLN A 171 6.26 1.55 -4.83
CA GLN A 171 5.20 2.36 -5.43
CA GLN A 171 5.21 2.40 -5.37
C GLN A 171 3.90 1.82 -4.86
N ILE A 172 3.34 2.48 -3.83
CA ILE A 172 2.11 1.99 -3.20
C ILE A 172 0.95 2.34 -4.10
N THR A 173 0.02 1.39 -4.22
CA THR A 173 -1.14 1.51 -5.11
C THR A 173 -2.42 1.10 -4.38
N ASP A 174 -3.53 1.11 -5.13
CA ASP A 174 -4.85 0.63 -4.70
C ASP A 174 -5.51 1.60 -3.72
N PHE A 175 -5.99 2.71 -4.23
CA PHE A 175 -6.57 3.76 -3.40
C PHE A 175 -8.08 3.83 -3.47
N GLY A 176 -8.74 2.87 -4.12
CA GLY A 176 -10.19 2.89 -4.17
C GLY A 176 -10.84 2.64 -2.83
N THR A 177 -10.12 2.05 -1.88
CA THR A 177 -10.64 1.88 -0.54
C THR A 177 -9.95 2.78 0.46
N ALA A 178 -9.19 3.77 0.01
CA ALA A 178 -8.59 4.75 0.91
C ALA A 178 -9.63 5.79 1.31
N LYS A 179 -9.30 6.57 2.33
CA LYS A 179 -10.22 7.59 2.84
C LYS A 179 -9.48 8.89 3.09
N VAL A 180 -10.00 9.98 2.53
CA VAL A 180 -9.53 11.32 2.88
C VAL A 180 -10.34 11.76 4.11
N LEU A 181 -9.66 11.89 5.24
CA LEU A 181 -10.33 12.41 6.42
C LEU A 181 -10.55 13.90 6.27
N SER A 182 -11.71 14.38 6.70
CA SER A 182 -12.05 15.78 6.51
C SER A 182 -11.26 16.67 7.45
N PRO A 183 -10.46 17.61 6.94
CA PRO A 183 -9.78 18.52 7.87
C PRO A 183 -10.73 19.47 8.55
N GLU A 184 -11.87 19.76 7.95
CA GLU A 184 -12.78 20.76 8.51
C GLU A 184 -13.37 20.28 9.83
N SER A 185 -13.63 18.98 9.97
CA SER A 185 -14.19 18.42 11.19
C SER A 185 -13.14 17.75 12.05
N LYS A 186 -11.88 17.82 11.63
CA LYS A 186 -10.78 17.13 12.30
C LYS A 186 -11.11 15.65 12.47
N GLN A 187 -11.70 15.09 11.43
CA GLN A 187 -12.11 13.69 11.42
C GLN A 187 -10.91 12.78 11.66
N ALA A 188 -11.11 11.80 12.53
CA ALA A 188 -10.12 10.78 12.82
C ALA A 188 -10.56 9.37 12.46
N ARG A 189 -11.85 9.07 12.49
CA ARG A 189 -12.36 7.72 12.21
C ARG A 189 -13.12 7.69 10.89
N ALA A 190 -12.95 6.60 10.17
CA ALA A 190 -13.61 6.32 8.91
C ALA A 190 -14.47 5.08 9.08
N ASN A 191 -15.68 5.11 8.51
CA ASN A 191 -16.68 4.11 8.84
C ASN A 191 -16.90 3.00 7.82
N SEP A 192 -16.33 3.10 6.63
CA SEP A 192 -16.58 2.02 5.66
CB SEP A 192 -16.18 2.45 4.26
OG SEP A 192 -16.90 3.59 3.88
C SEP A 192 -15.85 0.75 6.03
O SEP A 192 -14.69 0.81 6.44
P SEP A 192 -16.00 4.95 3.75
O1P SEP A 192 -14.99 4.83 2.52
O2P SEP A 192 -15.25 5.21 5.11
O3P SEP A 192 -17.09 6.08 3.49
H SEP A 192 -15.82 3.73 6.35
HA SEP A 192 -17.54 1.83 5.66
HB2 SEP A 192 -16.38 1.72 3.64
HB3 SEP A 192 -15.23 2.64 4.25
N PHE A 193 -16.48 -0.40 5.82
CA PHE A 193 -15.80 -1.65 6.10
C PHE A 193 -15.09 -2.13 4.83
N VAL A 194 -13.76 -1.97 4.84
CA VAL A 194 -12.92 -2.32 3.72
C VAL A 194 -11.64 -2.89 4.31
N GLY A 195 -10.92 -3.63 3.48
CA GLY A 195 -9.63 -4.14 3.84
C GLY A 195 -9.49 -5.58 3.42
N THR A 196 -8.44 -6.23 3.95
CA THR A 196 -8.08 -7.61 3.65
C THR A 196 -7.87 -8.30 4.99
N ALA A 197 -8.46 -9.48 5.16
CA ALA A 197 -8.54 -10.09 6.49
C ALA A 197 -7.20 -10.19 7.20
N GLN A 198 -6.15 -10.62 6.49
CA GLN A 198 -4.88 -10.82 7.17
C GLN A 198 -4.31 -9.53 7.76
N TYR A 199 -4.69 -8.36 7.24
CA TYR A 199 -4.06 -7.08 7.60
C TYR A 199 -5.04 -6.12 8.25
N VAL A 200 -6.31 -6.54 8.42
CA VAL A 200 -7.32 -5.64 8.95
C VAL A 200 -7.10 -5.43 10.44
N SER A 201 -7.41 -4.21 10.89
CA SER A 201 -7.11 -3.83 12.26
C SER A 201 -8.19 -4.28 13.23
N PRO A 202 -7.82 -4.51 14.50
CA PRO A 202 -8.84 -4.92 15.47
C PRO A 202 -9.93 -3.90 15.67
N GLU A 203 -9.60 -2.61 15.62
CA GLU A 203 -10.62 -1.59 15.81
C GLU A 203 -11.66 -1.64 14.72
N LEU A 204 -11.26 -1.93 13.49
CA LEU A 204 -12.30 -2.01 12.45
C LEU A 204 -13.23 -3.18 12.70
N LEU A 205 -12.68 -4.29 13.19
CA LEU A 205 -13.51 -5.47 13.49
C LEU A 205 -14.43 -5.23 14.68
N THR A 206 -13.95 -4.57 15.73
CA THR A 206 -14.68 -4.44 16.99
C THR A 206 -15.43 -3.13 17.13
N GLU A 207 -14.85 -2.01 16.70
CA GLU A 207 -15.49 -0.71 16.83
C GLU A 207 -16.13 -0.25 15.55
N LYS A 208 -15.89 -0.97 14.45
CA LYS A 208 -16.49 -0.69 13.15
C LYS A 208 -15.98 0.60 12.51
N SER A 209 -14.81 1.09 12.91
CA SER A 209 -14.18 2.19 12.20
C SER A 209 -12.68 2.00 12.19
N ALA A 210 -12.02 2.65 11.23
CA ALA A 210 -10.58 2.64 11.10
C ALA A 210 -10.09 4.06 11.30
N CYS A 211 -8.78 4.18 11.53
CA CYS A 211 -8.10 5.43 11.76
C CYS A 211 -6.73 5.33 11.10
N LYS A 212 -5.94 6.41 11.12
CA LYS A 212 -4.63 6.32 10.49
CA LYS A 212 -4.61 6.34 10.51
C LYS A 212 -3.80 5.21 11.10
N SER A 213 -3.94 4.99 12.42
CA SER A 213 -3.16 3.96 13.09
C SER A 213 -3.53 2.57 12.62
N SER A 214 -4.69 2.41 11.97
CA SER A 214 -5.01 1.12 11.36
C SER A 214 -3.97 0.72 10.33
N ASP A 215 -3.40 1.70 9.62
CA ASP A 215 -2.34 1.38 8.66
C ASP A 215 -1.05 0.97 9.37
N LEU A 216 -0.81 1.44 10.60
CA LEU A 216 0.38 1.00 11.34
C LEU A 216 0.24 -0.45 11.80
N TRP A 217 -0.97 -0.86 12.12
CA TRP A 217 -1.23 -2.28 12.36
C TRP A 217 -0.85 -3.10 11.12
N ALA A 218 -1.34 -2.69 9.95
CA ALA A 218 -0.97 -3.40 8.72
C ALA A 218 0.55 -3.42 8.56
N LEU A 219 1.21 -2.29 8.83
CA LEU A 219 2.66 -2.23 8.74
C LEU A 219 3.31 -3.30 9.61
N GLY A 220 2.83 -3.46 10.84
CA GLY A 220 3.39 -4.47 11.71
C GLY A 220 3.23 -5.86 11.11
N CYS A 221 2.09 -6.13 10.51
CA CYS A 221 1.86 -7.41 9.85
C CYS A 221 2.83 -7.60 8.71
N ILE A 222 3.09 -6.54 7.95
CA ILE A 222 3.97 -6.63 6.78
C ILE A 222 5.41 -6.88 7.21
N ILE A 223 5.89 -6.14 8.22
CA ILE A 223 7.26 -6.38 8.72
C ILE A 223 7.38 -7.82 9.16
N TYR A 224 6.41 -8.30 9.92
CA TYR A 224 6.42 -9.70 10.37
C TYR A 224 6.54 -10.63 9.17
N GLN A 225 5.75 -10.36 8.13
CA GLN A 225 5.74 -11.22 6.94
C GLN A 225 7.07 -11.20 6.21
N LEU A 226 7.70 -10.03 6.12
CA LEU A 226 9.01 -9.94 5.46
C LEU A 226 10.01 -10.83 6.15
N VAL A 227 9.97 -10.88 7.49
CA VAL A 227 10.99 -11.60 8.25
C VAL A 227 10.65 -13.08 8.35
N ALA A 228 9.39 -13.39 8.65
CA ALA A 228 8.97 -14.76 8.96
C ALA A 228 8.47 -15.51 7.74
N GLY A 229 8.11 -14.82 6.66
CA GLY A 229 7.68 -15.45 5.42
C GLY A 229 6.18 -15.59 5.28
N LEU A 230 5.41 -15.33 6.33
CA LEU A 230 3.96 -15.40 6.33
C LEU A 230 3.48 -14.29 7.23
N PRO A 231 2.28 -13.76 6.99
CA PRO A 231 1.73 -12.77 7.91
C PRO A 231 1.32 -13.43 9.22
N PRO A 232 1.24 -12.65 10.30
CA PRO A 232 1.14 -13.24 11.64
C PRO A 232 -0.20 -13.86 11.98
N PHE A 233 -1.30 -13.38 11.39
CA PHE A 233 -2.66 -13.88 11.64
C PHE A 233 -3.08 -14.53 10.34
N ARG A 234 -3.21 -15.83 10.37
CA ARG A 234 -3.42 -16.55 9.12
C ARG A 234 -4.25 -17.77 9.44
N ALA A 235 -5.13 -18.09 8.51
CA ALA A 235 -6.02 -19.23 8.63
C ALA A 235 -6.70 -19.40 7.28
N GLY A 236 -7.33 -20.57 7.09
CA GLY A 236 -8.00 -20.85 5.85
C GLY A 236 -9.38 -20.27 5.73
N ASN A 237 -9.84 -19.59 6.77
CA ASN A 237 -11.18 -19.01 6.83
C ASN A 237 -11.02 -17.64 7.47
N GLU A 238 -11.71 -16.62 6.94
CA GLU A 238 -11.52 -15.25 7.44
C GLU A 238 -11.97 -15.10 8.89
N GLY A 239 -13.07 -15.75 9.27
CA GLY A 239 -13.54 -15.60 10.64
C GLY A 239 -12.50 -16.05 11.65
N LEU A 240 -11.77 -17.12 11.33
CA LEU A 240 -10.72 -17.59 12.22
C LEU A 240 -9.62 -16.55 12.36
N ILE A 241 -9.29 -15.88 11.26
CA ILE A 241 -8.31 -14.79 11.32
C ILE A 241 -8.83 -13.68 12.23
N PHE A 242 -10.08 -13.27 12.05
CA PHE A 242 -10.61 -12.20 12.88
C PHE A 242 -10.51 -12.54 14.35
N ALA A 243 -10.83 -13.79 14.72
CA ALA A 243 -10.78 -14.17 16.13
C ALA A 243 -9.38 -14.03 16.69
N LYS A 244 -8.35 -14.37 15.91
CA LYS A 244 -6.98 -14.24 16.40
CA LYS A 244 -6.99 -14.24 16.39
C LYS A 244 -6.56 -12.78 16.47
N ILE A 245 -6.96 -11.97 15.48
CA ILE A 245 -6.61 -10.54 15.53
C ILE A 245 -7.10 -9.91 16.82
N ILE A 246 -8.37 -10.14 17.14
CA ILE A 246 -9.02 -9.48 18.27
CA ILE A 246 -8.95 -9.41 18.27
C ILE A 246 -8.39 -9.87 19.60
N LYS A 247 -7.80 -11.06 19.68
CA LYS A 247 -7.15 -11.59 20.87
C LYS A 247 -5.64 -11.38 20.86
N LEU A 248 -5.11 -10.77 19.80
CA LEU A 248 -3.66 -10.65 19.60
C LEU A 248 -2.99 -12.01 19.73
N GLU A 249 -3.55 -13.00 19.05
CA GLU A 249 -3.06 -14.37 19.11
C GLU A 249 -2.12 -14.60 17.93
N TYR A 250 -0.81 -14.51 18.20
CA TYR A 250 0.21 -14.81 17.21
C TYR A 250 1.51 -15.07 17.95
N ASP A 251 2.48 -15.60 17.23
CA ASP A 251 3.77 -15.97 17.80
C ASP A 251 4.86 -15.61 16.81
N PHE A 252 6.07 -15.46 17.34
CA PHE A 252 7.23 -15.22 16.51
C PHE A 252 8.01 -16.50 16.33
N PRO A 253 8.55 -16.78 15.15
CA PRO A 253 9.50 -17.88 15.03
C PRO A 253 10.76 -17.60 15.83
N GLU A 254 11.46 -18.70 16.16
N GLU A 254 11.61 -18.62 15.86
CA GLU A 254 12.51 -18.64 17.17
CA GLU A 254 13.00 -18.44 16.27
C GLU A 254 13.61 -17.68 16.74
C GLU A 254 13.77 -17.66 15.20
N LYS A 255 13.92 -17.65 15.46
N LYS A 255 14.78 -16.93 15.65
CA LYS A 255 14.89 -16.73 14.90
CA LYS A 255 15.78 -16.25 14.81
C LYS A 255 14.10 -15.64 14.18
C LYS A 255 15.25 -14.94 14.23
N PHE A 256 14.20 -14.43 14.71
N PHE A 256 14.08 -14.51 14.65
CA PHE A 256 13.50 -13.28 14.15
C PHE A 256 14.32 -12.09 14.64
N PHE A 257 14.81 -11.25 13.74
CA PHE A 257 15.76 -10.20 14.11
C PHE A 257 15.25 -9.46 15.35
N PRO A 258 15.99 -9.46 16.46
CA PRO A 258 15.37 -8.97 17.71
C PRO A 258 14.83 -7.55 17.68
N LYS A 259 15.53 -6.61 17.06
CA LYS A 259 15.00 -5.25 17.03
C LYS A 259 13.77 -5.14 16.13
N ALA A 260 13.69 -5.98 15.10
CA ALA A 260 12.47 -6.06 14.31
C ALA A 260 11.33 -6.64 15.11
N ARG A 261 11.59 -7.64 15.94
CA ARG A 261 10.53 -8.17 16.79
C ARG A 261 10.00 -7.09 17.72
N ASP A 262 10.91 -6.33 18.35
CA ASP A 262 10.48 -5.25 19.22
C ASP A 262 9.61 -4.25 18.48
N LEU A 263 10.01 -3.88 17.27
CA LEU A 263 9.21 -2.95 16.48
C LEU A 263 7.82 -3.53 16.19
N VAL A 264 7.76 -4.80 15.75
CA VAL A 264 6.46 -5.42 15.51
C VAL A 264 5.59 -5.37 16.76
N GLU A 265 6.17 -5.67 17.93
CA GLU A 265 5.41 -5.66 19.18
C GLU A 265 4.95 -4.27 19.55
N LYS A 266 5.57 -3.23 19.00
CA LYS A 266 5.12 -1.87 19.25
C LYS A 266 4.12 -1.36 18.22
N LEU A 267 3.85 -2.14 17.18
CA LEU A 267 2.86 -1.85 16.17
C LEU A 267 1.63 -2.71 16.29
N LEU A 268 1.80 -4.00 16.57
CA LEU A 268 0.69 -4.93 16.76
C LEU A 268 0.22 -4.82 18.21
N VAL A 269 -0.44 -3.69 18.46
CA VAL A 269 -1.00 -3.34 19.76
C VAL A 269 -2.50 -3.15 19.56
N LEU A 270 -3.31 -3.77 20.42
CA LEU A 270 -4.75 -3.73 20.20
C LEU A 270 -5.30 -2.31 20.29
N ASP A 271 -4.81 -1.53 21.25
CA ASP A 271 -5.22 -0.13 21.44
C ASP A 271 -4.55 0.71 20.36
N ALA A 272 -5.36 1.22 19.42
CA ALA A 272 -4.82 1.97 18.29
C ALA A 272 -4.15 3.28 18.69
N THR A 273 -4.37 3.75 19.90
CA THR A 273 -3.73 4.97 20.38
C THR A 273 -2.35 4.70 20.98
N LYS A 274 -1.91 3.44 20.98
CA LYS A 274 -0.67 3.06 21.62
C LYS A 274 0.32 2.44 20.62
N ARG A 275 0.09 2.60 19.32
CA ARG A 275 0.99 2.05 18.30
C ARG A 275 2.05 3.09 17.99
N LEU A 276 3.30 2.65 17.93
CA LEU A 276 4.38 3.56 17.61
C LEU A 276 4.16 4.14 16.21
N GLY A 277 4.18 5.48 16.11
CA GLY A 277 3.87 6.18 14.89
C GLY A 277 2.51 6.88 14.90
N CYS A 278 1.63 6.54 15.81
CA CYS A 278 0.29 7.13 15.78
C CYS A 278 0.31 8.50 16.41
N GLU A 279 -0.74 9.28 16.11
CA GLU A 279 -0.80 10.66 16.59
C GLU A 279 -0.74 10.74 18.10
N GLU A 280 -1.43 9.84 18.80
CA GLU A 280 -1.42 9.87 20.25
C GLU A 280 -0.06 9.53 20.84
N MET A 281 0.78 8.85 20.08
CA MET A 281 2.15 8.57 20.48
CA MET A 281 2.15 8.60 20.52
C MET A 281 3.13 9.57 19.89
N GLU A 282 2.63 10.70 19.40
CA GLU A 282 3.40 11.83 18.91
C GLU A 282 4.04 11.58 17.55
N GLY A 283 3.46 10.69 16.76
CA GLY A 283 3.71 10.67 15.31
C GLY A 283 4.95 9.92 14.87
N TYR A 284 5.44 10.31 13.69
CA TYR A 284 6.46 9.50 13.01
C TYR A 284 7.85 9.67 13.57
N GLY A 285 8.12 10.74 14.30
CA GLY A 285 9.44 10.92 14.86
C GLY A 285 9.89 9.77 15.71
N PRO A 286 9.07 9.40 16.71
CA PRO A 286 9.45 8.27 17.57
C PRO A 286 9.54 6.97 16.80
N LEU A 287 8.70 6.77 15.77
CA LEU A 287 8.78 5.56 14.96
C LEU A 287 10.09 5.50 14.18
N LYS A 288 10.47 6.62 13.54
CA LYS A 288 11.73 6.65 12.80
C LYS A 288 12.95 6.51 13.70
N ALA A 289 12.80 6.87 14.97
CA ALA A 289 13.85 6.74 15.98
C ALA A 289 13.98 5.33 16.53
N HIS A 290 13.11 4.40 16.14
CA HIS A 290 13.20 3.08 16.73
C HIS A 290 14.57 2.46 16.45
N PRO A 291 15.13 1.70 17.40
CA PRO A 291 16.46 1.08 17.15
C PRO A 291 16.60 0.24 15.89
N PHE A 292 15.54 -0.40 15.41
CA PHE A 292 15.66 -1.15 14.17
C PHE A 292 16.09 -0.25 13.00
N PHE A 293 15.82 1.05 13.08
CA PHE A 293 16.13 1.97 12.00
C PHE A 293 17.38 2.80 12.26
N GLU A 294 18.19 2.42 13.26
CA GLU A 294 19.32 3.27 13.63
C GLU A 294 20.20 3.65 12.44
N SER A 295 20.43 2.74 11.51
CA SER A 295 21.33 3.08 10.41
C SER A 295 20.63 3.72 9.21
N VAL A 296 19.35 4.00 9.29
CA VAL A 296 18.63 4.54 8.14
C VAL A 296 18.90 6.03 8.03
N THR A 297 19.16 6.48 6.82
CA THR A 297 19.16 7.90 6.47
C THR A 297 17.81 8.18 5.80
N TRP A 298 16.89 8.82 6.52
CA TRP A 298 15.51 8.92 6.07
C TRP A 298 15.37 9.92 4.93
N GLU A 299 16.05 11.04 5.05
N GLU A 299 16.27 10.91 4.85
CA GLU A 299 16.20 11.91 3.91
CA GLU A 299 16.03 12.05 3.99
C GLU A 299 16.83 11.06 2.82
C GLU A 299 16.07 11.74 2.50
N ASN A 300 16.39 11.24 1.60
N ASN A 300 16.91 10.82 2.07
CA ASN A 300 17.00 10.63 0.42
CA ASN A 300 17.07 10.59 0.64
C ASN A 300 16.89 9.12 0.32
N LEU A 301 15.94 8.46 0.99
N LEU A 301 15.96 8.45 1.01
CA LEU A 301 15.74 7.03 0.75
C LEU A 301 15.50 6.75 -0.73
N HIS A 302 14.69 7.57 -1.39
CA HIS A 302 14.31 7.27 -2.76
C HIS A 302 15.44 7.42 -3.76
N GLN A 303 16.55 8.04 -3.36
CA GLN A 303 17.73 8.18 -4.19
C GLN A 303 18.81 7.18 -3.82
N GLN A 304 18.62 6.38 -2.77
CA GLN A 304 19.57 5.34 -2.42
C GLN A 304 19.38 4.12 -3.30
N THR A 305 20.46 3.38 -3.56
CA THR A 305 20.34 2.15 -4.31
C THR A 305 19.78 1.08 -3.39
N PRO A 306 18.64 0.47 -3.71
CA PRO A 306 18.11 -0.54 -2.81
C PRO A 306 19.05 -1.72 -2.71
N PRO A 307 19.13 -2.37 -1.56
CA PRO A 307 19.89 -3.62 -1.45
C PRO A 307 19.28 -4.70 -2.32
N LYS A 308 20.13 -5.55 -2.91
CA LYS A 308 19.64 -6.63 -3.75
CA LYS A 308 19.62 -6.62 -3.75
C LYS A 308 18.91 -7.66 -2.89
N LEU A 309 17.83 -8.18 -3.43
CA LEU A 309 17.01 -9.15 -2.72
C LEU A 309 17.47 -10.54 -3.09
N THR A 310 18.07 -11.25 -2.15
CA THR A 310 18.29 -12.67 -2.40
C THR A 310 18.21 -13.51 -1.10
C4 S26 B . -18.78 6.14 -14.63
C14 S26 B . -14.18 12.80 -13.20
C5 S26 B . -18.97 6.98 -15.72
C6 S26 B . -18.32 8.21 -15.80
C8 S26 B . -15.99 9.74 -13.44
C13 S26 B . -14.21 12.33 -11.80
C23 S26 B . -13.57 14.06 -13.70
O22 S26 B . -13.63 12.98 -10.60
C12 S26 B . -14.94 11.05 -11.88
O21 S26 B . -15.17 10.31 -10.86
C15 S26 B . -14.85 11.90 -14.16
C16 S26 B . -13.88 11.30 -15.11
C20 S26 B . -13.72 11.73 -16.42
C19 S26 B . -12.73 10.99 -17.08
C18 S26 B . -12.12 9.96 -16.34
S17 S26 B . -12.83 9.97 -14.74
N11 S26 B . -15.27 10.84 -13.17
S9 S26 B . -16.25 8.32 -12.45
C2 S26 B . -17.30 7.71 -13.62
N7 S26 B . -16.72 9.76 -14.59
C1 S26 B . -17.46 8.63 -14.78
CL S26 B . -19.67 4.58 -14.63
C3 S26 B . -17.96 6.49 -13.56
S1 DTT C . -16.25 -10.39 1.85
C1 DTT C . -15.23 -9.52 3.11
C2 DTT C . -13.75 -9.40 2.77
O2 DTT C . -13.25 -10.71 2.80
C3 DTT C . -12.85 -8.43 3.59
O3 DTT C . -13.43 -7.15 3.61
C4 DTT C . -12.51 -8.81 5.04
S4 DTT C . -11.49 -7.62 5.97
HS1 DTT C . -16.79 -9.60 1.73
H11 DTT C . -15.33 -10.03 4.07
H12 DTT C . -15.64 -8.50 3.25
H2 DTT C . -13.70 -9.06 1.73
HO2 DTT C . -12.43 -10.73 3.36
H3 DTT C . -11.90 -8.36 3.06
HO3 DTT C . -13.47 -6.82 4.54
H41 DTT C . -11.99 -9.78 5.03
H42 DTT C . -13.44 -8.97 5.59
HS2 DTT C . -11.72 -8.07 6.79
S DMS D . 11.44 10.52 -28.49
O DMS D . 11.90 9.39 -27.61
C1 DMS D . 10.08 9.94 -29.51
C2 DMS D . 10.61 11.65 -27.32
H11 DMS D . 10.42 9.18 -30.17
H12 DMS D . 9.31 9.54 -28.88
H13 DMS D . 9.68 10.75 -30.06
H21 DMS D . 11.32 12.03 -26.64
H22 DMS D . 10.17 12.45 -27.86
H23 DMS D . 9.86 11.12 -26.80
S DMS E . -6.79 2.46 -28.88
O DMS E . -7.68 2.98 -29.96
C1 DMS E . -7.21 0.73 -28.51
C2 DMS E . -5.12 2.38 -29.57
H11 DMS E . -6.51 0.34 -27.81
H12 DMS E . -8.18 0.68 -28.10
H13 DMS E . -7.16 0.16 -29.39
H21 DMS E . -5.14 1.80 -30.46
H22 DMS E . -4.78 3.36 -29.81
H23 DMS E . -4.46 1.94 -28.88
PG ATP F . -9.59 -5.39 -7.17
O1G ATP F . -10.49 -6.53 -7.61
O2G ATP F . -8.90 -5.58 -5.84
O3G ATP F . -10.22 -4.02 -7.34
PB ATP F . -7.10 -4.44 -8.22
O1B ATP F . -5.86 -5.30 -8.10
O2B ATP F . -7.33 -3.33 -7.22
O3B ATP F . -8.38 -5.43 -8.23
PA ATP F . -6.18 -3.03 -10.56
O1A ATP F . -6.70 -3.10 -11.98
O2A ATP F . -5.95 -1.70 -9.87
O3A ATP F . -7.24 -3.91 -9.73
O5' ATP F . -4.84 -3.91 -10.49
C5' ATP F . -4.88 -5.20 -11.08
C4' ATP F . -3.50 -5.75 -11.33
O4' ATP F . -2.77 -4.86 -12.21
C3' ATP F . -2.64 -6.00 -10.11
O3' ATP F . -2.39 -7.41 -10.10
C2' ATP F . -1.37 -5.20 -10.33
O2' ATP F . -0.22 -6.00 -10.04
C1' ATP F . -1.43 -4.68 -11.77
N9 ATP F . -1.06 -3.26 -11.75
C8 ATP F . -1.87 -2.29 -11.25
N7 ATP F . -1.29 -1.08 -11.32
C5 ATP F . -0.07 -1.28 -11.86
C6 ATP F . 1.03 -0.37 -12.22
N6 ATP F . 0.75 0.89 -11.87
N1 ATP F . 2.21 -0.86 -12.73
C2 ATP F . 2.27 -2.19 -12.99
N3 ATP F . 1.27 -3.07 -12.70
C4 ATP F . 0.09 -2.68 -12.15
H5'1 ATP F . -5.43 -5.14 -12.04
H5'2 ATP F . -5.43 -5.89 -10.43
H4' ATP F . -3.62 -6.72 -11.85
H3' ATP F . -3.17 -5.67 -9.20
HO3' ATP F . -1.83 -7.63 -9.34
H2' ATP F . -1.39 -4.33 -9.65
HO2' ATP F . -0.24 -6.28 -9.12
H1' ATP F . -0.74 -5.26 -12.40
H8 ATP F . -2.86 -2.47 -10.85
HN61 ATP F . -0.15 1.11 -11.46
HN62 ATP F . 1.41 1.62 -12.05
H2 ATP F . 3.18 -2.58 -13.42
#